data_2GYQ
#
_entry.id   2GYQ
#
_cell.length_a   33.451
_cell.length_b   101.125
_cell.length_c   103.802
_cell.angle_alpha   90.00
_cell.angle_beta   90.00
_cell.angle_gamma   90.00
#
_symmetry.space_group_name_H-M   'P 21 21 21'
#
loop_
_entity.id
_entity.type
_entity.pdbx_description
1 polymer 'ycfI, putative structural protein'
2 non-polymer 'FE (III) ION'
3 non-polymer 'ZINC ION'
4 non-polymer 'SODIUM ION'
5 non-polymer 'ACETATE ION'
6 non-polymer 1,2-ETHANEDIOL
7 water water
#
_entity_poly.entity_id   1
_entity_poly.type   'polypeptide(L)'
_entity_poly.pdbx_seq_one_letter_code
;GHMGFFSRDIQTMEDLLLHGLRDIYYAEQQITKALPKMIEQATNRDLSQGLTSHLEETQKQIERLDQVFKKLGQKPSGVN
CPAIDGLIKEADETAGEIADKTVLDAAIVANAQAVEHYEIARYGTLIAWAEELGHDDIVRFLTTNLNEEKAANTKLNTVA
LRKGVNRKAASGS
;
_entity_poly.pdbx_strand_id   A,B
#
loop_
_chem_comp.id
_chem_comp.type
_chem_comp.name
_chem_comp.formula
ACT non-polymer 'ACETATE ION' 'C2 H3 O2 -1'
EDO non-polymer 1,2-ETHANEDIOL 'C2 H6 O2'
FE non-polymer 'FE (III) ION' 'Fe 3'
NA non-polymer 'SODIUM ION' 'Na 1'
ZN non-polymer 'ZINC ION' 'Zn 2'
#
# COMPACT_ATOMS: atom_id res chain seq x y z
N MET A 3 -5.95 -12.13 -23.04
CA MET A 3 -4.52 -11.74 -22.81
C MET A 3 -4.42 -10.26 -22.45
N GLY A 4 -5.57 -9.59 -22.43
CA GLY A 4 -5.62 -8.18 -22.20
C GLY A 4 -5.14 -7.39 -23.41
N PHE A 5 -5.19 -6.08 -23.29
CA PHE A 5 -4.83 -5.15 -24.35
C PHE A 5 -3.38 -5.01 -24.75
N PHE A 6 -2.47 -5.13 -23.80
CA PHE A 6 -1.09 -4.73 -24.08
CA PHE A 6 -1.10 -4.65 -23.98
C PHE A 6 -0.14 -5.80 -23.70
N SER A 7 -0.49 -7.02 -24.09
CA SER A 7 0.30 -8.20 -23.72
CA SER A 7 0.31 -8.16 -23.68
C SER A 7 1.72 -8.08 -24.29
N ARG A 8 2.71 -8.17 -23.43
CA ARG A 8 4.15 -8.11 -23.84
C ARG A 8 4.52 -6.79 -24.58
N ASP A 9 3.83 -5.68 -24.32
CA ASP A 9 4.18 -4.41 -24.95
C ASP A 9 5.18 -3.50 -24.20
N ILE A 10 5.43 -3.81 -22.93
CA ILE A 10 6.47 -3.12 -22.17
C ILE A 10 7.78 -3.85 -22.46
N GLN A 11 8.65 -3.21 -23.22
CA GLN A 11 9.84 -3.91 -23.72
CA GLN A 11 9.84 -3.86 -23.78
C GLN A 11 11.13 -3.54 -23.03
N THR A 12 11.20 -2.34 -22.48
CA THR A 12 12.43 -1.82 -21.91
C THR A 12 12.18 -1.20 -20.53
N MET A 13 13.27 -0.90 -19.82
CA MET A 13 13.14 -0.15 -18.53
C MET A 13 12.55 1.23 -18.76
N GLU A 14 12.87 1.91 -19.89
CA GLU A 14 12.22 3.19 -20.19
CA GLU A 14 12.23 3.19 -20.20
C GLU A 14 10.71 2.99 -20.29
N ASP A 15 10.28 1.92 -20.98
CA ASP A 15 8.82 1.64 -21.06
C ASP A 15 8.22 1.36 -19.67
N LEU A 16 8.95 0.65 -18.83
CA LEU A 16 8.42 0.30 -17.49
C LEU A 16 8.34 1.57 -16.60
N LEU A 17 9.34 2.42 -16.67
CA LEU A 17 9.31 3.71 -15.98
C LEU A 17 8.10 4.53 -16.43
N LEU A 18 7.88 4.60 -17.75
CA LEU A 18 6.76 5.37 -18.30
C LEU A 18 5.43 4.80 -17.73
N HIS A 19 5.27 3.47 -17.80
CA HIS A 19 4.07 2.81 -17.28
C HIS A 19 3.89 3.14 -15.78
N GLY A 20 4.97 3.06 -14.99
CA GLY A 20 4.93 3.34 -13.54
C GLY A 20 4.57 4.80 -13.26
N LEU A 21 5.11 5.74 -14.05
CA LEU A 21 4.78 7.17 -13.89
C LEU A 21 3.28 7.40 -14.24
N ARG A 22 2.78 6.75 -15.28
CA ARG A 22 1.37 6.89 -15.64
C ARG A 22 0.48 6.30 -14.54
N ASP A 23 0.93 5.23 -13.94
CA ASP A 23 0.19 4.53 -12.85
C ASP A 23 0.12 5.50 -11.62
N ILE A 24 1.25 6.10 -11.21
CA ILE A 24 1.21 7.00 -10.05
C ILE A 24 0.46 8.29 -10.37
N TYR A 25 0.52 8.73 -11.62
CA TYR A 25 -0.23 9.92 -12.05
C TYR A 25 -1.73 9.67 -11.87
N TYR A 26 -2.18 8.52 -12.35
CA TYR A 26 -3.57 8.12 -12.15
C TYR A 26 -3.91 8.07 -10.65
N ALA A 27 -3.01 7.49 -9.84
CA ALA A 27 -3.26 7.42 -8.41
C ALA A 27 -3.41 8.82 -7.79
N GLU A 28 -2.51 9.74 -8.15
CA GLU A 28 -2.61 11.12 -7.65
C GLU A 28 -3.93 11.75 -8.04
N GLN A 29 -4.37 11.52 -9.27
CA GLN A 29 -5.67 12.04 -9.69
CA GLN A 29 -5.68 12.04 -9.69
C GLN A 29 -6.81 11.45 -8.85
N GLN A 30 -6.74 10.15 -8.60
CA GLN A 30 -7.78 9.51 -7.78
C GLN A 30 -7.78 10.03 -6.36
N ILE A 31 -6.58 10.29 -5.84
CA ILE A 31 -6.43 10.84 -4.50
C ILE A 31 -7.08 12.23 -4.45
N THR A 32 -6.93 13.03 -5.50
CA THR A 32 -7.60 14.37 -5.51
C THR A 32 -9.11 14.26 -5.48
N LYS A 33 -9.64 13.12 -5.95
CA LYS A 33 -11.10 12.89 -5.94
C LYS A 33 -11.53 12.33 -4.61
N ALA A 34 -10.68 11.51 -3.98
CA ALA A 34 -11.02 10.85 -2.72
C ALA A 34 -10.87 11.77 -1.52
N LEU A 35 -9.86 12.62 -1.54
CA LEU A 35 -9.59 13.46 -0.37
C LEU A 35 -10.79 14.35 0.04
N PRO A 36 -11.50 14.99 -0.91
CA PRO A 36 -12.68 15.78 -0.48
C PRO A 36 -13.71 14.96 0.32
N LYS A 37 -13.87 13.66 -0.04
CA LYS A 37 -14.78 12.77 0.70
CA LYS A 37 -14.78 12.78 0.69
C LYS A 37 -14.27 12.49 2.10
N MET A 38 -12.96 12.23 2.22
CA MET A 38 -12.38 11.98 3.54
CA MET A 38 -12.30 12.01 3.52
C MET A 38 -12.40 13.23 4.40
N ILE A 39 -12.18 14.38 3.79
CA ILE A 39 -12.25 15.68 4.48
C ILE A 39 -13.67 15.90 5.06
N GLU A 40 -14.67 15.67 4.24
CA GLU A 40 -16.05 15.81 4.67
CA GLU A 40 -16.08 15.74 4.64
C GLU A 40 -16.39 14.82 5.81
N GLN A 41 -15.87 13.59 5.73
CA GLN A 41 -16.14 12.57 6.78
C GLN A 41 -15.42 12.88 8.09
N ALA A 42 -14.26 13.53 8.01
CA ALA A 42 -13.41 13.75 9.20
C ALA A 42 -14.08 14.76 10.13
N THR A 43 -14.14 14.45 11.42
CA THR A 43 -14.75 15.33 12.40
C THR A 43 -13.69 16.22 13.06
N ASN A 44 -12.58 15.63 13.43
CA ASN A 44 -11.49 16.36 14.08
C ASN A 44 -10.93 17.40 13.13
N ARG A 45 -10.83 18.64 13.60
CA ARG A 45 -10.45 19.75 12.71
C ARG A 45 -9.00 19.66 12.30
N ASP A 46 -8.11 19.09 13.12
CA ASP A 46 -6.75 18.94 12.66
C ASP A 46 -6.61 17.89 11.56
N LEU A 47 -7.43 16.86 11.65
CA LEU A 47 -7.50 15.89 10.58
C LEU A 47 -8.12 16.50 9.31
N SER A 48 -9.28 17.15 9.44
CA SER A 48 -9.97 17.72 8.28
CA SER A 48 -9.92 17.68 8.26
C SER A 48 -9.15 18.81 7.60
N GLN A 49 -8.69 19.77 8.38
CA GLN A 49 -7.85 20.83 7.84
C GLN A 49 -6.49 20.25 7.36
N GLY A 50 -5.97 19.22 8.02
CA GLY A 50 -4.73 18.58 7.59
C GLY A 50 -4.87 17.86 6.23
N LEU A 51 -5.95 17.11 6.06
CA LEU A 51 -6.18 16.47 4.75
C LEU A 51 -6.41 17.50 3.63
N THR A 52 -6.99 18.66 3.98
CA THR A 52 -7.15 19.74 3.02
C THR A 52 -5.75 20.18 2.54
N SER A 53 -4.79 20.29 3.46
CA SER A 53 -3.40 20.60 3.06
CA SER A 53 -3.39 20.57 3.10
C SER A 53 -2.81 19.49 2.17
N HIS A 54 -3.11 18.23 2.51
CA HIS A 54 -2.56 17.21 1.63
CA HIS A 54 -2.73 17.03 1.72
C HIS A 54 -3.24 17.20 0.27
N LEU A 55 -4.49 17.67 0.18
CA LEU A 55 -5.12 17.82 -1.13
C LEU A 55 -4.38 18.87 -1.99
N GLU A 56 -4.03 20.00 -1.37
CA GLU A 56 -3.27 21.06 -2.07
C GLU A 56 -1.92 20.51 -2.50
N GLU A 57 -1.28 19.73 -1.62
CA GLU A 57 0.02 19.16 -1.97
CA GLU A 57 0.01 19.13 -1.94
C GLU A 57 -0.09 18.15 -3.10
N THR A 58 -1.16 17.34 -3.10
CA THR A 58 -1.38 16.38 -4.18
C THR A 58 -1.54 17.10 -5.54
N GLN A 59 -2.24 18.24 -5.56
CA GLN A 59 -2.34 19.03 -6.78
CA GLN A 59 -2.34 19.07 -6.77
C GLN A 59 -0.94 19.47 -7.24
N LYS A 60 -0.09 19.86 -6.31
CA LYS A 60 1.29 20.23 -6.67
C LYS A 60 2.09 19.02 -7.18
N GLN A 61 1.85 17.86 -6.59
CA GLN A 61 2.53 16.66 -7.08
CA GLN A 61 2.45 16.58 -7.04
C GLN A 61 2.13 16.31 -8.51
N ILE A 62 0.88 16.54 -8.88
CA ILE A 62 0.42 16.35 -10.27
C ILE A 62 1.12 17.34 -11.20
N GLU A 63 1.26 18.59 -10.74
CA GLU A 63 2.01 19.60 -11.53
C GLU A 63 3.46 19.18 -11.72
N ARG A 64 4.08 18.59 -10.69
CA ARG A 64 5.44 18.06 -10.80
C ARG A 64 5.48 16.93 -11.79
N LEU A 65 4.52 16.01 -11.72
CA LEU A 65 4.48 14.91 -12.69
C LEU A 65 4.29 15.42 -14.12
N ASP A 66 3.48 16.48 -14.30
CA ASP A 66 3.28 17.07 -15.63
C ASP A 66 4.62 17.49 -16.22
N GLN A 67 5.50 18.05 -15.37
CA GLN A 67 6.86 18.43 -15.84
C GLN A 67 7.70 17.20 -16.23
N VAL A 68 7.57 16.13 -15.46
CA VAL A 68 8.27 14.89 -15.77
C VAL A 68 7.82 14.34 -17.12
N PHE A 69 6.50 14.29 -17.36
CA PHE A 69 6.00 13.81 -18.63
C PHE A 69 6.46 14.65 -19.82
N LYS A 70 6.50 15.96 -19.63
CA LYS A 70 7.05 16.88 -20.63
CA LYS A 70 7.06 16.85 -20.64
C LYS A 70 8.47 16.48 -21.00
N LYS A 71 9.30 16.23 -19.99
CA LYS A 71 10.68 15.86 -20.22
C LYS A 71 10.83 14.53 -20.96
N LEU A 72 9.85 13.63 -20.77
CA LEU A 72 9.84 12.34 -21.50
C LEU A 72 9.21 12.45 -22.90
N GLY A 73 8.52 13.57 -23.14
CA GLY A 73 7.78 13.76 -24.37
C GLY A 73 6.63 12.79 -24.51
N GLN A 74 5.93 12.53 -23.40
CA GLN A 74 4.83 11.54 -23.35
C GLN A 74 3.65 12.08 -22.59
N LYS A 75 2.45 11.64 -22.96
CA LYS A 75 1.27 12.09 -22.24
CA LYS A 75 1.22 12.02 -22.27
C LYS A 75 1.13 11.29 -20.93
N PRO A 76 0.59 11.93 -19.89
CA PRO A 76 0.48 11.25 -18.58
C PRO A 76 -0.65 10.25 -18.48
N SER A 77 -1.64 10.35 -19.38
CA SER A 77 -2.74 9.40 -19.38
C SER A 77 -2.27 8.05 -19.92
N GLY A 78 -3.05 7.01 -19.62
CA GLY A 78 -2.86 5.72 -20.22
C GLY A 78 -2.69 4.51 -19.34
N VAL A 79 -2.58 4.70 -18.03
CA VAL A 79 -2.51 3.53 -17.14
C VAL A 79 -3.41 3.79 -15.95
N ASN A 80 -4.29 2.82 -15.61
CA ASN A 80 -5.04 2.88 -14.37
C ASN A 80 -4.36 2.03 -13.31
N CYS A 81 -4.59 2.35 -12.05
CA CYS A 81 -3.90 1.78 -10.90
C CYS A 81 -4.89 0.98 -10.05
N PRO A 82 -4.92 -0.35 -10.24
CA PRO A 82 -5.85 -1.18 -9.38
C PRO A 82 -5.51 -1.10 -7.87
N ALA A 83 -4.23 -0.86 -7.53
CA ALA A 83 -3.86 -0.72 -6.12
C ALA A 83 -4.54 0.49 -5.47
N ILE A 84 -4.44 1.67 -6.08
CA ILE A 84 -5.13 2.84 -5.46
C ILE A 84 -6.62 2.69 -5.50
N ASP A 85 -7.11 2.07 -6.55
CA ASP A 85 -8.57 1.88 -6.63
C ASP A 85 -9.04 1.00 -5.47
N GLY A 86 -8.24 -0.02 -5.16
CA GLY A 86 -8.57 -0.93 -4.03
C GLY A 86 -8.43 -0.22 -2.69
N LEU A 87 -7.38 0.55 -2.51
CA LEU A 87 -7.19 1.33 -1.26
C LEU A 87 -8.34 2.28 -1.02
N ILE A 88 -8.76 2.96 -2.08
CA ILE A 88 -9.77 3.99 -1.89
C ILE A 88 -11.12 3.32 -1.65
N LYS A 89 -11.41 2.23 -2.37
CA LYS A 89 -12.68 1.56 -2.12
C LYS A 89 -12.70 0.89 -0.72
N GLU A 90 -11.57 0.37 -0.25
CA GLU A 90 -11.51 -0.16 1.13
CA GLU A 90 -11.47 -0.11 1.12
C GLU A 90 -11.80 0.98 2.12
N ALA A 91 -11.23 2.16 1.90
CA ALA A 91 -11.46 3.29 2.80
C ALA A 91 -12.98 3.64 2.81
N ASP A 92 -13.58 3.66 1.63
CA ASP A 92 -15.02 3.94 1.50
CA ASP A 92 -14.98 3.96 1.52
C ASP A 92 -15.85 2.89 2.23
N GLU A 93 -15.54 1.62 2.00
CA GLU A 93 -16.29 0.50 2.59
CA GLU A 93 -16.43 0.61 2.59
C GLU A 93 -16.25 0.59 4.12
N THR A 94 -15.03 0.77 4.63
CA THR A 94 -14.84 0.78 6.07
C THR A 94 -15.59 1.96 6.68
N ALA A 95 -15.47 3.13 6.07
CA ALA A 95 -16.21 4.30 6.59
C ALA A 95 -17.72 4.02 6.69
N GLY A 96 -18.24 3.29 5.71
CA GLY A 96 -19.67 2.95 5.68
C GLY A 96 -20.09 1.98 6.79
N GLU A 97 -19.12 1.31 7.42
CA GLU A 97 -19.41 0.32 8.47
C GLU A 97 -19.32 0.92 9.88
N ILE A 98 -18.92 2.19 9.99
CA ILE A 98 -18.58 2.78 11.29
C ILE A 98 -19.67 3.69 11.82
N ALA A 99 -20.01 3.48 13.09
CA ALA A 99 -21.13 4.16 13.74
C ALA A 99 -20.81 5.39 14.58
N ASP A 100 -19.52 5.66 14.78
CA ASP A 100 -19.05 6.64 15.77
C ASP A 100 -18.00 7.54 15.11
N LYS A 101 -18.11 8.84 15.35
CA LYS A 101 -17.22 9.85 14.72
CA LYS A 101 -17.21 9.79 14.65
C LYS A 101 -15.76 9.69 15.10
N THR A 102 -15.51 9.37 16.36
CA THR A 102 -14.11 9.21 16.80
C THR A 102 -13.52 7.97 16.14
N VAL A 103 -14.31 6.91 16.06
CA VAL A 103 -13.84 5.67 15.40
C VAL A 103 -13.62 5.97 13.90
N LEU A 104 -14.53 6.73 13.31
CA LEU A 104 -14.41 7.06 11.86
C LEU A 104 -13.11 7.84 11.60
N ASP A 105 -12.77 8.79 12.48
CA ASP A 105 -11.52 9.57 12.31
C ASP A 105 -10.29 8.64 12.41
N ALA A 106 -10.32 7.66 13.33
CA ALA A 106 -9.23 6.69 13.45
C ALA A 106 -9.10 5.92 12.12
N ALA A 107 -10.23 5.51 11.56
CA ALA A 107 -10.19 4.78 10.28
C ALA A 107 -9.66 5.63 9.14
N ILE A 108 -10.11 6.88 9.07
CA ILE A 108 -9.62 7.82 8.08
C ILE A 108 -8.09 7.95 8.15
N VAL A 109 -7.54 8.14 9.35
CA VAL A 109 -6.08 8.25 9.50
C VAL A 109 -5.43 6.99 8.99
N ALA A 110 -5.94 5.82 9.40
CA ALA A 110 -5.28 4.56 9.02
C ALA A 110 -5.33 4.40 7.51
N ASN A 111 -6.46 4.74 6.90
CA ASN A 111 -6.54 4.54 5.44
C ASN A 111 -5.69 5.55 4.68
N ALA A 112 -5.60 6.75 5.21
CA ALA A 112 -4.72 7.77 4.61
C ALA A 112 -3.25 7.32 4.74
N GLN A 113 -2.88 6.76 5.90
CA GLN A 113 -1.52 6.22 6.03
C GLN A 113 -1.25 5.07 5.06
N ALA A 114 -2.23 4.21 4.80
CA ALA A 114 -2.04 3.13 3.84
C ALA A 114 -1.79 3.73 2.46
N VAL A 115 -2.57 4.74 2.09
CA VAL A 115 -2.33 5.44 0.80
C VAL A 115 -0.94 6.06 0.75
N GLU A 116 -0.50 6.75 1.81
CA GLU A 116 0.85 7.34 1.79
CA GLU A 116 0.87 7.35 1.78
C GLU A 116 1.91 6.25 1.60
N HIS A 117 1.71 5.13 2.26
CA HIS A 117 2.68 4.00 2.11
C HIS A 117 2.75 3.44 0.70
N TYR A 118 1.60 3.35 0.02
CA TYR A 118 1.60 2.96 -1.42
C TYR A 118 2.40 3.96 -2.24
N GLU A 119 2.10 5.24 -2.04
CA GLU A 119 2.79 6.28 -2.80
C GLU A 119 4.29 6.27 -2.48
N ILE A 120 4.67 6.06 -1.23
CA ILE A 120 6.08 5.98 -0.86
C ILE A 120 6.74 4.81 -1.57
N ALA A 121 6.06 3.66 -1.62
CA ALA A 121 6.62 2.49 -2.36
C ALA A 121 6.86 2.86 -3.84
N ARG A 122 5.84 3.42 -4.48
CA ARG A 122 5.92 3.71 -5.92
C ARG A 122 6.98 4.81 -6.19
N TYR A 123 6.96 5.91 -5.44
CA TYR A 123 7.96 6.95 -5.71
C TYR A 123 9.39 6.42 -5.51
N GLY A 124 9.59 5.61 -4.47
CA GLY A 124 10.90 5.03 -4.24
C GLY A 124 11.36 4.20 -5.44
N THR A 125 10.46 3.35 -5.94
CA THR A 125 10.75 2.52 -7.13
C THR A 125 11.06 3.39 -8.34
N LEU A 126 10.23 4.41 -8.59
CA LEU A 126 10.38 5.22 -9.81
C LEU A 126 11.66 6.05 -9.77
N ILE A 127 12.01 6.55 -8.58
CA ILE A 127 13.27 7.26 -8.41
C ILE A 127 14.45 6.34 -8.81
N ALA A 128 14.44 5.12 -8.29
CA ALA A 128 15.57 4.20 -8.59
C ALA A 128 15.66 3.94 -10.09
N TRP A 129 14.51 3.70 -10.76
CA TRP A 129 14.54 3.46 -12.20
C TRP A 129 14.97 4.70 -12.98
N ALA A 130 14.49 5.88 -12.58
CA ALA A 130 14.87 7.12 -13.25
C ALA A 130 16.37 7.39 -13.09
N GLU A 131 16.92 7.10 -11.91
CA GLU A 131 18.37 7.26 -11.66
C GLU A 131 19.15 6.31 -12.60
N GLU A 132 18.76 5.03 -12.65
CA GLU A 132 19.42 4.06 -13.52
CA GLU A 132 19.37 4.02 -13.55
C GLU A 132 19.39 4.49 -14.99
N LEU A 133 18.33 5.20 -15.39
CA LEU A 133 18.15 5.66 -16.75
C LEU A 133 18.76 7.05 -17.00
N GLY A 134 19.33 7.66 -15.96
CA GLY A 134 20.07 8.90 -16.18
C GLY A 134 19.22 10.16 -16.23
N HIS A 135 17.99 10.09 -15.72
CA HIS A 135 17.07 11.23 -15.78
C HIS A 135 17.17 12.07 -14.51
N ASP A 136 18.20 12.91 -14.44
CA ASP A 136 18.48 13.67 -13.20
C ASP A 136 17.31 14.53 -12.74
N ASP A 137 16.65 15.24 -13.66
CA ASP A 137 15.58 16.12 -13.24
C ASP A 137 14.40 15.30 -12.74
N ILE A 138 14.09 14.22 -13.47
CA ILE A 138 12.99 13.36 -13.06
C ILE A 138 13.26 12.80 -11.65
N VAL A 139 14.48 12.40 -11.36
CA VAL A 139 14.83 11.99 -9.99
C VAL A 139 14.52 13.09 -8.97
N ARG A 140 14.88 14.35 -9.26
CA ARG A 140 14.60 15.44 -8.35
C ARG A 140 13.10 15.64 -8.13
N PHE A 141 12.33 15.69 -9.22
CA PHE A 141 10.87 15.90 -9.11
C PHE A 141 10.24 14.79 -8.28
N LEU A 142 10.60 13.54 -8.61
CA LEU A 142 10.05 12.39 -7.88
C LEU A 142 10.46 12.37 -6.40
N THR A 143 11.70 12.80 -6.14
CA THR A 143 12.18 12.88 -4.75
C THR A 143 11.40 13.93 -3.97
N THR A 144 11.14 15.08 -4.58
CA THR A 144 10.25 16.09 -3.97
C THR A 144 8.87 15.51 -3.66
N ASN A 145 8.26 14.82 -4.61
CA ASN A 145 6.97 14.18 -4.33
C ASN A 145 7.08 13.18 -3.18
N LEU A 146 8.11 12.34 -3.24
CA LEU A 146 8.35 11.31 -2.21
C LEU A 146 8.40 11.96 -0.83
N ASN A 147 9.15 13.04 -0.74
CA ASN A 147 9.34 13.70 0.57
C ASN A 147 8.05 14.29 1.12
N GLU A 148 7.18 14.76 0.22
CA GLU A 148 5.87 15.23 0.68
CA GLU A 148 5.87 15.23 0.64
C GLU A 148 5.02 14.08 1.19
N GLU A 149 5.13 12.90 0.57
CA GLU A 149 4.34 11.75 1.07
C GLU A 149 4.87 11.29 2.42
N LYS A 150 6.21 11.28 2.56
CA LYS A 150 6.82 10.92 3.86
C LYS A 150 6.40 11.91 4.95
N ALA A 151 6.43 13.21 4.63
CA ALA A 151 6.02 14.23 5.60
C ALA A 151 4.53 14.08 5.96
N ALA A 152 3.67 13.77 4.99
CA ALA A 152 2.24 13.60 5.23
C ALA A 152 2.00 12.39 6.14
N ASN A 153 2.73 11.29 5.88
CA ASN A 153 2.58 10.10 6.71
C ASN A 153 3.00 10.41 8.14
N THR A 154 4.10 11.13 8.30
CA THR A 154 4.59 11.48 9.65
C THR A 154 3.56 12.35 10.38
N LYS A 155 2.95 13.30 9.67
CA LYS A 155 1.92 14.17 10.25
CA LYS A 155 1.91 14.17 10.24
C LYS A 155 0.70 13.35 10.67
N LEU A 156 0.34 12.34 9.88
CA LEU A 156 -0.73 11.42 10.25
C LEU A 156 -0.37 10.58 11.47
N ASN A 157 0.90 10.17 11.60
CA ASN A 157 1.36 9.33 12.73
C ASN A 157 1.31 10.12 14.01
N THR A 158 1.37 11.46 13.87
CA THR A 158 1.41 12.37 15.00
C THR A 158 0.11 13.13 15.31
N VAL A 159 -0.87 13.19 14.39
CA VAL A 159 -2.17 13.85 14.73
C VAL A 159 -2.78 13.34 16.08
N ALA A 160 -2.88 14.23 17.07
CA ALA A 160 -3.38 13.89 18.41
C ALA A 160 -4.91 13.82 18.46
N LEU A 161 -5.46 12.64 18.16
CA LEU A 161 -6.92 12.45 18.01
C LEU A 161 -7.70 12.14 19.28
N ARG A 162 -7.13 11.29 20.12
CA ARG A 162 -7.91 10.65 21.19
C ARG A 162 -7.25 10.83 22.54
N ALA A 170 -6.67 -4.62 28.88
CA ALA A 170 -7.99 -4.80 28.17
C ALA A 170 -8.72 -5.98 28.79
N SER A 171 -10.05 -5.85 28.91
CA SER A 171 -10.82 -6.99 29.42
C SER A 171 -11.94 -7.33 28.46
N PHE B 5 -25.84 -7.57 15.19
CA PHE B 5 -26.95 -7.11 14.30
C PHE B 5 -27.10 -5.59 14.21
N PHE B 6 -26.10 -4.95 13.60
CA PHE B 6 -26.19 -3.54 13.16
C PHE B 6 -25.68 -3.38 11.73
N SER B 7 -26.29 -2.46 10.98
CA SER B 7 -25.75 -2.06 9.67
C SER B 7 -24.36 -1.49 9.82
N ARG B 8 -24.18 -0.66 10.85
CA ARG B 8 -22.87 -0.08 11.09
C ARG B 8 -22.40 -0.78 12.33
N ASP B 9 -21.78 -1.92 12.12
CA ASP B 9 -21.41 -2.75 13.25
C ASP B 9 -20.06 -2.41 13.85
N ILE B 10 -19.30 -1.47 13.25
CA ILE B 10 -18.06 -1.05 13.92
C ILE B 10 -18.42 0.12 14.82
N GLN B 11 -18.59 -0.15 16.11
CA GLN B 11 -19.11 0.81 17.08
CA GLN B 11 -19.10 0.87 17.03
C GLN B 11 -18.03 1.48 17.92
N THR B 12 -16.93 0.74 18.16
CA THR B 12 -15.90 1.19 19.10
C THR B 12 -14.50 0.99 18.48
N MET B 13 -13.48 1.55 19.12
CA MET B 13 -12.09 1.30 18.65
C MET B 13 -11.72 -0.19 18.75
N GLU B 14 -12.25 -0.89 19.75
CA GLU B 14 -12.01 -2.34 19.84
C GLU B 14 -12.58 -3.07 18.61
N ASP B 15 -13.79 -2.69 18.16
CA ASP B 15 -14.38 -3.28 16.96
C ASP B 15 -13.53 -2.97 15.75
N LEU B 16 -13.03 -1.75 15.67
CA LEU B 16 -12.17 -1.35 14.52
C LEU B 16 -10.88 -2.18 14.48
N LEU B 17 -10.29 -2.39 15.66
CA LEU B 17 -9.08 -3.23 15.77
C LEU B 17 -9.37 -4.65 15.29
N LEU B 18 -10.46 -5.23 15.81
CA LEU B 18 -10.86 -6.60 15.37
C LEU B 18 -11.10 -6.67 13.86
N HIS B 19 -11.81 -5.68 13.33
CA HIS B 19 -12.00 -5.63 11.87
C HIS B 19 -10.66 -5.58 11.11
N GLY B 20 -9.75 -4.73 11.58
CA GLY B 20 -8.42 -4.62 10.93
C GLY B 20 -7.63 -5.92 10.99
N LEU B 21 -7.78 -6.67 12.08
CA LEU B 21 -7.07 -7.95 12.21
C LEU B 21 -7.66 -8.95 11.23
N ARG B 22 -8.97 -8.93 11.05
CA ARG B 22 -9.60 -9.84 10.08
C ARG B 22 -9.19 -9.46 8.64
N ASP B 23 -9.00 -8.15 8.39
CA ASP B 23 -8.60 -7.66 7.06
C ASP B 23 -7.14 -8.13 6.76
N ILE B 24 -6.23 -7.97 7.71
CA ILE B 24 -4.84 -8.38 7.48
C ILE B 24 -4.73 -9.91 7.40
N TYR B 25 -5.59 -10.64 8.13
CA TYR B 25 -5.59 -12.08 8.05
C TYR B 25 -5.91 -12.57 6.62
N TYR B 26 -6.96 -12.00 6.07
CA TYR B 26 -7.31 -12.27 4.68
C TYR B 26 -6.16 -11.88 3.75
N ALA B 27 -5.56 -10.71 3.96
CA ALA B 27 -4.48 -10.27 3.10
C ALA B 27 -3.28 -11.24 3.15
N GLU B 28 -2.93 -11.73 4.35
CA GLU B 28 -1.80 -12.69 4.45
C GLU B 28 -2.16 -13.98 3.68
N GLN B 29 -3.41 -14.43 3.79
CA GLN B 29 -3.83 -15.61 3.02
C GLN B 29 -3.67 -15.36 1.52
N GLN B 30 -4.09 -14.19 1.06
CA GLN B 30 -3.98 -13.88 -0.37
C GLN B 30 -2.53 -13.77 -0.84
N ILE B 31 -1.68 -13.25 0.00
CA ILE B 31 -0.26 -13.18 -0.32
C ILE B 31 0.32 -14.59 -0.46
N THR B 32 -0.09 -15.53 0.40
CA THR B 32 0.41 -16.89 0.27
C THR B 32 -0.01 -17.50 -1.07
N LYS B 33 -1.13 -17.05 -1.62
CA LYS B 33 -1.61 -17.57 -2.92
C LYS B 33 -0.90 -16.88 -4.09
N ALA B 34 -0.57 -15.62 -3.92
CA ALA B 34 0.06 -14.80 -4.97
C ALA B 34 1.55 -15.08 -5.10
N LEU B 35 2.22 -15.27 -3.99
CA LEU B 35 3.68 -15.41 -4.01
C LEU B 35 4.19 -16.53 -4.95
N PRO B 36 3.58 -17.74 -4.92
CA PRO B 36 4.12 -18.78 -5.85
C PRO B 36 4.11 -18.34 -7.32
N LYS B 37 3.09 -17.58 -7.73
CA LYS B 37 3.01 -17.06 -9.11
C LYS B 37 4.16 -16.10 -9.37
N MET B 38 4.46 -15.23 -8.41
CA MET B 38 5.57 -14.30 -8.56
CA MET B 38 5.56 -14.30 -8.52
C MET B 38 6.90 -15.01 -8.60
N ILE B 39 7.07 -16.03 -7.76
CA ILE B 39 8.31 -16.77 -7.70
C ILE B 39 8.54 -17.47 -9.04
N GLU B 40 7.49 -18.02 -9.64
CA GLU B 40 7.59 -18.72 -10.94
CA GLU B 40 7.69 -18.74 -10.89
C GLU B 40 8.00 -17.78 -12.05
N GLN B 41 7.55 -16.52 -11.94
CA GLN B 41 7.85 -15.51 -12.97
CA GLN B 41 7.86 -15.55 -13.00
C GLN B 41 9.24 -14.90 -12.84
N ALA B 42 9.85 -15.02 -11.66
CA ALA B 42 11.11 -14.34 -11.37
C ALA B 42 12.26 -15.07 -12.04
N THR B 43 13.13 -14.32 -12.70
CA THR B 43 14.32 -14.94 -13.30
C THR B 43 15.50 -14.91 -12.34
N ASN B 44 15.80 -13.73 -11.82
CA ASN B 44 16.90 -13.50 -10.87
C ASN B 44 16.78 -14.46 -9.68
N ARG B 45 17.84 -15.24 -9.43
CA ARG B 45 17.86 -16.28 -8.40
CA ARG B 45 17.79 -16.28 -8.41
C ARG B 45 17.71 -15.71 -6.99
N ASP B 46 18.33 -14.58 -6.72
CA ASP B 46 18.20 -13.94 -5.41
C ASP B 46 16.77 -13.50 -5.16
N LEU B 47 16.14 -12.98 -6.21
CA LEU B 47 14.74 -12.55 -6.12
C LEU B 47 13.87 -13.77 -5.86
N SER B 48 14.03 -14.84 -6.63
CA SER B 48 13.22 -16.04 -6.47
CA SER B 48 13.14 -15.97 -6.43
C SER B 48 13.39 -16.61 -5.05
N GLN B 49 14.65 -16.72 -4.64
CA GLN B 49 15.00 -17.26 -3.29
CA GLN B 49 14.90 -17.29 -3.31
C GLN B 49 14.44 -16.40 -2.16
N GLY B 50 14.60 -15.10 -2.30
CA GLY B 50 14.08 -14.14 -1.30
C GLY B 50 12.57 -14.23 -1.12
N LEU B 51 11.87 -14.27 -2.25
CA LEU B 51 10.41 -14.44 -2.25
C LEU B 51 9.98 -15.79 -1.65
N THR B 52 10.73 -16.85 -1.97
CA THR B 52 10.42 -18.17 -1.43
C THR B 52 10.58 -18.14 0.08
N SER B 53 11.65 -17.51 0.57
CA SER B 53 11.86 -17.37 2.02
CA SER B 53 11.85 -17.36 2.01
C SER B 53 10.71 -16.56 2.63
N HIS B 54 10.29 -15.50 1.96
CA HIS B 54 9.20 -14.68 2.55
C HIS B 54 7.85 -15.39 2.52
N LEU B 55 7.65 -16.27 1.53
CA LEU B 55 6.46 -17.11 1.50
C LEU B 55 6.41 -18.00 2.76
N GLU B 56 7.54 -18.60 3.11
CA GLU B 56 7.61 -19.41 4.33
CA GLU B 56 7.59 -19.41 4.32
C GLU B 56 7.28 -18.54 5.53
N GLU B 57 7.82 -17.32 5.56
CA GLU B 57 7.55 -16.41 6.69
C GLU B 57 6.06 -16.04 6.74
N THR B 58 5.43 -15.83 5.58
CA THR B 58 4.03 -15.44 5.56
C THR B 58 3.15 -16.57 6.15
N GLN B 59 3.50 -17.82 5.89
CA GLN B 59 2.81 -18.95 6.50
CA GLN B 59 2.78 -18.93 6.49
C GLN B 59 2.91 -18.86 8.03
N LYS B 60 4.09 -18.53 8.52
CA LYS B 60 4.29 -18.36 9.98
C LYS B 60 3.49 -17.14 10.50
N GLN B 61 3.46 -16.05 9.72
CA GLN B 61 2.68 -14.86 10.11
C GLN B 61 1.20 -15.17 10.30
N ILE B 62 0.63 -16.06 9.48
CA ILE B 62 -0.75 -16.48 9.66
C ILE B 62 -0.89 -17.22 10.98
N GLU B 63 0.06 -18.12 11.29
CA GLU B 63 0.03 -18.80 12.59
C GLU B 63 0.12 -17.81 13.75
N ARG B 64 0.92 -16.75 13.63
CA ARG B 64 0.98 -15.75 14.68
C ARG B 64 -0.34 -14.99 14.79
N LEU B 65 -0.97 -14.68 13.67
CA LEU B 65 -2.31 -14.06 13.73
C LEU B 65 -3.34 -15.01 14.40
N ASP B 66 -3.22 -16.32 14.15
CA ASP B 66 -4.09 -17.30 14.87
C ASP B 66 -3.89 -17.13 16.38
N GLN B 67 -2.63 -16.95 16.80
CA GLN B 67 -2.34 -16.69 18.23
C GLN B 67 -2.94 -15.38 18.74
N VAL B 68 -2.88 -14.34 17.93
CA VAL B 68 -3.53 -13.07 18.24
C VAL B 68 -5.04 -13.28 18.48
N PHE B 69 -5.73 -13.92 17.53
CA PHE B 69 -7.17 -14.18 17.69
C PHE B 69 -7.40 -14.98 18.97
N LYS B 70 -6.58 -16.01 19.21
CA LYS B 70 -6.72 -16.86 20.42
C LYS B 70 -6.59 -15.97 21.68
N LYS B 71 -5.62 -15.03 21.69
CA LYS B 71 -5.45 -14.14 22.86
CA LYS B 71 -5.44 -14.20 22.87
C LYS B 71 -6.64 -13.25 23.08
N LEU B 72 -7.30 -12.90 22.00
CA LEU B 72 -8.50 -12.05 22.00
C LEU B 72 -9.78 -12.82 22.33
N GLY B 73 -9.66 -14.14 22.33
CA GLY B 73 -10.75 -15.03 22.73
C GLY B 73 -11.60 -15.62 21.63
N GLN B 74 -11.15 -15.57 20.38
CA GLN B 74 -11.91 -16.12 19.28
CA GLN B 74 -11.91 -16.21 19.34
C GLN B 74 -11.12 -16.92 18.27
N LYS B 75 -11.86 -17.71 17.45
CA LYS B 75 -11.30 -18.41 16.30
CA LYS B 75 -11.20 -18.39 16.34
C LYS B 75 -10.93 -17.36 15.23
N PRO B 76 -9.91 -17.65 14.41
CA PRO B 76 -9.52 -16.71 13.36
C PRO B 76 -10.58 -16.57 12.26
N SER B 77 -10.66 -15.39 11.64
CA SER B 77 -11.50 -15.22 10.47
C SER B 77 -10.97 -14.03 9.70
N GLY B 78 -11.32 -13.99 8.44
CA GLY B 78 -10.90 -12.90 7.55
C GLY B 78 -12.10 -12.09 7.10
N VAL B 79 -11.81 -10.91 6.57
CA VAL B 79 -12.78 -10.12 5.83
CA VAL B 79 -12.78 -10.13 5.84
C VAL B 79 -12.10 -9.68 4.57
N ASN B 80 -12.87 -9.54 3.52
CA ASN B 80 -12.23 -9.15 2.26
C ASN B 80 -11.47 -7.81 2.37
N CYS B 81 -10.28 -7.78 1.75
CA CYS B 81 -9.38 -6.61 1.73
C CYS B 81 -9.27 -6.16 0.25
N PRO B 82 -10.03 -5.12 -0.14
CA PRO B 82 -9.89 -4.62 -1.53
C PRO B 82 -8.49 -4.11 -1.84
N ALA B 83 -7.75 -3.64 -0.83
CA ALA B 83 -6.41 -3.10 -1.09
C ALA B 83 -5.46 -4.21 -1.56
N ILE B 84 -5.44 -5.35 -0.85
CA ILE B 84 -4.52 -6.41 -1.29
C ILE B 84 -5.04 -7.01 -2.60
N ASP B 85 -6.38 -7.09 -2.79
CA ASP B 85 -6.89 -7.65 -4.06
C ASP B 85 -6.42 -6.75 -5.21
N GLY B 86 -6.45 -5.42 -5.01
CA GLY B 86 -6.07 -4.45 -6.05
C GLY B 86 -4.57 -4.56 -6.31
N LEU B 87 -3.77 -4.68 -5.27
CA LEU B 87 -2.29 -4.84 -5.43
C LEU B 87 -1.95 -6.11 -6.21
N ILE B 88 -2.63 -7.21 -5.87
CA ILE B 88 -2.36 -8.45 -6.54
C ILE B 88 -2.83 -8.39 -8.02
N LYS B 89 -3.99 -7.77 -8.27
CA LYS B 89 -4.51 -7.60 -9.62
C LYS B 89 -3.52 -6.75 -10.45
N GLU B 90 -3.04 -5.65 -9.88
CA GLU B 90 -2.10 -4.78 -10.58
C GLU B 90 -0.81 -5.55 -10.93
N ALA B 91 -0.29 -6.33 -9.99
CA ALA B 91 0.94 -7.08 -10.22
C ALA B 91 0.75 -8.09 -11.34
N ASP B 92 -0.36 -8.83 -11.31
CA ASP B 92 -0.63 -9.84 -12.29
CA ASP B 92 -0.72 -9.83 -12.31
C ASP B 92 -0.81 -9.20 -13.69
N GLU B 93 -1.57 -8.13 -13.76
CA GLU B 93 -1.84 -7.51 -15.05
C GLU B 93 -0.57 -6.88 -15.62
N THR B 94 0.20 -6.20 -14.79
CA THR B 94 1.43 -5.57 -15.25
C THR B 94 2.41 -6.64 -15.75
N ALA B 95 2.51 -7.73 -14.99
CA ALA B 95 3.41 -8.83 -15.42
C ALA B 95 3.07 -9.31 -16.84
N GLY B 96 1.78 -9.47 -17.13
CA GLY B 96 1.35 -9.89 -18.47
C GLY B 96 1.74 -8.90 -19.57
N GLU B 97 1.96 -7.64 -19.20
CA GLU B 97 2.30 -6.63 -20.20
CA GLU B 97 2.32 -6.60 -20.17
C GLU B 97 3.78 -6.55 -20.54
N ILE B 98 4.62 -7.33 -19.86
CA ILE B 98 6.08 -7.13 -19.98
C ILE B 98 6.69 -8.26 -20.83
N ALA B 99 7.51 -7.81 -21.80
CA ALA B 99 8.14 -8.73 -22.75
C ALA B 99 9.51 -9.24 -22.34
N ASP B 100 10.26 -8.47 -21.54
CA ASP B 100 11.70 -8.74 -21.25
C ASP B 100 11.80 -9.30 -19.82
N LYS B 101 12.53 -10.39 -19.65
CA LYS B 101 12.59 -11.07 -18.34
C LYS B 101 13.24 -10.21 -17.27
N THR B 102 14.20 -9.36 -17.64
CA THR B 102 14.85 -8.51 -16.64
CA THR B 102 14.85 -8.49 -16.66
C THR B 102 13.92 -7.33 -16.23
N VAL B 103 13.18 -6.82 -17.19
CA VAL B 103 12.16 -5.80 -16.92
C VAL B 103 11.07 -6.42 -16.03
N LEU B 104 10.68 -7.65 -16.32
CA LEU B 104 9.70 -8.37 -15.51
C LEU B 104 10.20 -8.51 -14.05
N ASP B 105 11.48 -8.90 -13.86
CA ASP B 105 12.01 -8.97 -12.49
C ASP B 105 11.95 -7.60 -11.81
N ALA B 106 12.26 -6.52 -12.52
CA ALA B 106 12.13 -5.17 -11.95
C ALA B 106 10.70 -4.88 -11.48
N ALA B 107 9.72 -5.30 -12.27
CA ALA B 107 8.29 -5.07 -11.89
C ALA B 107 7.92 -5.94 -10.69
N ILE B 108 8.47 -7.17 -10.65
CA ILE B 108 8.17 -8.10 -9.54
C ILE B 108 8.74 -7.51 -8.25
N VAL B 109 9.97 -7.01 -8.29
CA VAL B 109 10.56 -6.35 -7.10
C VAL B 109 9.67 -5.18 -6.67
N ALA B 110 9.26 -4.32 -7.60
CA ALA B 110 8.47 -3.14 -7.26
C ALA B 110 7.12 -3.54 -6.65
N ASN B 111 6.47 -4.55 -7.23
CA ASN B 111 5.16 -4.98 -6.74
C ASN B 111 5.24 -5.65 -5.39
N ALA B 112 6.30 -6.43 -5.20
CA ALA B 112 6.58 -6.99 -3.88
C ALA B 112 6.81 -5.89 -2.83
N GLN B 113 7.54 -4.83 -3.17
CA GLN B 113 7.79 -3.72 -2.26
C GLN B 113 6.46 -3.02 -1.92
N ALA B 114 5.57 -2.86 -2.91
CA ALA B 114 4.28 -2.21 -2.66
C ALA B 114 3.44 -3.07 -1.68
N VAL B 115 3.46 -4.38 -1.84
CA VAL B 115 2.79 -5.26 -0.87
C VAL B 115 3.39 -5.13 0.50
N GLU B 116 4.71 -5.22 0.62
CA GLU B 116 5.33 -5.01 1.94
C GLU B 116 4.97 -3.70 2.57
N HIS B 117 4.91 -2.63 1.78
CA HIS B 117 4.48 -1.33 2.31
C HIS B 117 3.04 -1.32 2.82
N TYR B 118 2.14 -1.99 2.12
CA TYR B 118 0.77 -2.11 2.61
CA TYR B 118 0.79 -2.16 2.58
C TYR B 118 0.77 -2.85 3.95
N GLU B 119 1.53 -3.95 4.07
CA GLU B 119 1.59 -4.71 5.31
C GLU B 119 2.19 -3.87 6.42
N ILE B 120 3.23 -3.09 6.13
CA ILE B 120 3.87 -2.23 7.13
C ILE B 120 2.86 -1.19 7.65
N ALA B 121 2.12 -0.57 6.75
CA ALA B 121 1.07 0.39 7.17
C ALA B 121 0.05 -0.28 8.07
N ARG B 122 -0.46 -1.44 7.64
CA ARG B 122 -1.48 -2.13 8.42
C ARG B 122 -1.00 -2.59 9.78
N TYR B 123 0.15 -3.28 9.84
CA TYR B 123 0.65 -3.71 11.15
C TYR B 123 0.96 -2.49 12.03
N GLY B 124 1.52 -1.42 11.45
CA GLY B 124 1.83 -0.25 12.30
C GLY B 124 0.54 0.30 12.93
N THR B 125 -0.51 0.40 12.11
CA THR B 125 -1.83 0.90 12.57
C THR B 125 -2.41 -0.03 13.66
N LEU B 126 -2.35 -1.34 13.43
CA LEU B 126 -2.96 -2.31 14.36
C LEU B 126 -2.22 -2.31 15.70
N ILE B 127 -0.89 -2.19 15.63
CA ILE B 127 -0.08 -2.10 16.86
C ILE B 127 -0.42 -0.83 17.66
N ALA B 128 -0.52 0.32 16.98
CA ALA B 128 -0.85 1.57 17.69
C ALA B 128 -2.22 1.47 18.34
N TRP B 129 -3.23 0.96 17.62
CA TRP B 129 -4.55 0.77 18.21
C TRP B 129 -4.52 -0.18 19.39
N ALA B 130 -3.82 -1.31 19.22
CA ALA B 130 -3.71 -2.32 20.29
C ALA B 130 -3.11 -1.66 21.54
N GLU B 131 -2.05 -0.87 21.36
CA GLU B 131 -1.45 -0.25 22.54
CA GLU B 131 -1.41 -0.17 22.48
C GLU B 131 -2.38 0.74 23.20
N GLU B 132 -3.13 1.50 22.42
CA GLU B 132 -4.05 2.51 22.96
CA GLU B 132 -4.08 2.50 22.94
C GLU B 132 -5.15 1.81 23.76
N LEU B 133 -5.52 0.62 23.33
CA LEU B 133 -6.58 -0.16 23.92
C LEU B 133 -6.09 -1.06 25.08
N GLY B 134 -4.82 -0.98 25.45
CA GLY B 134 -4.31 -1.82 26.55
C GLY B 134 -4.13 -3.28 26.12
N HIS B 135 -4.01 -3.50 24.81
CA HIS B 135 -3.77 -4.80 24.26
C HIS B 135 -2.30 -5.04 23.93
N ASP B 136 -1.42 -4.73 24.88
CA ASP B 136 -0.02 -5.12 24.72
CA ASP B 136 -0.02 -5.10 24.72
C ASP B 136 0.17 -6.60 24.47
N ASP B 137 -0.75 -7.40 25.00
CA ASP B 137 -0.68 -8.84 24.82
C ASP B 137 -0.58 -9.31 23.38
N ILE B 138 -1.28 -8.66 22.45
CA ILE B 138 -1.21 -9.10 21.09
C ILE B 138 -0.10 -8.41 20.28
N VAL B 139 0.43 -7.32 20.85
CA VAL B 139 1.47 -6.55 20.15
C VAL B 139 2.71 -7.42 19.89
N ARG B 140 3.05 -8.35 20.78
CA ARG B 140 4.26 -9.14 20.53
CA ARG B 140 4.25 -9.17 20.54
C ARG B 140 4.19 -9.89 19.20
N PHE B 141 3.03 -10.44 18.90
CA PHE B 141 2.84 -11.20 17.64
C PHE B 141 2.82 -10.25 16.44
N LEU B 142 2.07 -9.17 16.58
CA LEU B 142 1.97 -8.21 15.47
C LEU B 142 3.32 -7.60 15.13
N THR B 143 4.12 -7.30 16.17
CA THR B 143 5.46 -6.74 15.93
C THR B 143 6.38 -7.74 15.21
N THR B 144 6.29 -9.03 15.54
CA THR B 144 7.12 -10.03 14.88
C THR B 144 6.74 -10.02 13.37
N ASN B 145 5.44 -9.97 13.06
CA ASN B 145 5.01 -9.90 11.66
C ASN B 145 5.53 -8.63 11.01
N LEU B 146 5.30 -7.50 11.66
CA LEU B 146 5.72 -6.19 11.12
C LEU B 146 7.19 -6.21 10.78
N ASN B 147 8.03 -6.71 11.69
CA ASN B 147 9.46 -6.62 11.45
C ASN B 147 9.91 -7.51 10.29
N GLU B 148 9.21 -8.64 10.08
CA GLU B 148 9.50 -9.45 8.87
C GLU B 148 9.12 -8.67 7.58
N GLU B 149 8.04 -7.90 7.59
CA GLU B 149 7.68 -7.11 6.41
C GLU B 149 8.72 -6.03 6.16
N LYS B 150 9.16 -5.35 7.23
CA LYS B 150 10.21 -4.33 7.12
CA LYS B 150 10.20 -4.33 7.09
C LYS B 150 11.48 -4.94 6.52
N ALA B 151 11.88 -6.12 7.04
CA ALA B 151 13.08 -6.77 6.57
C ALA B 151 12.95 -7.17 5.11
N ALA B 152 11.79 -7.68 4.74
CA ALA B 152 11.59 -8.10 3.34
C ALA B 152 11.68 -6.86 2.43
N ASN B 153 11.05 -5.77 2.84
CA ASN B 153 11.13 -4.51 2.07
C ASN B 153 12.55 -4.02 1.89
N THR B 154 13.33 -4.03 2.96
CA THR B 154 14.71 -3.56 2.88
C THR B 154 15.51 -4.41 1.94
N LYS B 155 15.33 -5.71 2.02
CA LYS B 155 16.07 -6.64 1.17
C LYS B 155 15.68 -6.47 -0.28
N LEU B 156 14.40 -6.26 -0.53
CA LEU B 156 13.96 -5.95 -1.91
C LEU B 156 14.56 -4.65 -2.45
N ASN B 157 14.74 -3.64 -1.60
CA ASN B 157 15.28 -2.32 -2.00
C ASN B 157 16.71 -2.44 -2.49
N THR B 158 17.41 -3.50 -2.06
CA THR B 158 18.82 -3.76 -2.40
C THR B 158 19.04 -4.79 -3.55
N VAL B 159 17.98 -5.47 -4.00
CA VAL B 159 18.11 -6.52 -5.05
C VAL B 159 18.75 -5.96 -6.35
N ALA B 160 19.78 -6.65 -6.88
CA ALA B 160 20.61 -6.09 -7.97
C ALA B 160 20.40 -6.80 -9.29
N LEU B 161 19.54 -6.24 -10.13
CA LEU B 161 19.12 -6.99 -11.32
C LEU B 161 20.09 -6.89 -12.52
FE FE C . -0.11 11.27 -0.36
FE FE D . -0.54 1.37 -9.09
FE FE E . -7.14 -4.27 3.73
ZN ZN F . 0.49 11.83 -3.68
ZN ZN G . -1.67 12.63 2.17
ZN ZN H . -14.99 -3.84 6.44
ZN ZN I . -16.26 -4.90 7.08
NA NA J . 0.73 -5.10 -28.44
C ACT K . 8.46 22.23 -5.96
O ACT K . 7.77 21.94 -6.96
OXT ACT K . 9.65 21.81 -5.94
CH3 ACT K . 7.85 23.03 -4.85
C ACT L . 2.70 4.35 8.78
O ACT L . 2.24 3.45 9.23
OXT ACT L . 3.79 4.09 8.32
CH3 ACT L . 1.90 5.57 8.77
FE FE M . 2.77 -10.64 5.73
FE FE N . 5.42 -9.37 3.70
ZN ZN O . -0.36 -1.77 -17.22
ZN ZN P . -10.01 -6.27 24.05
C ACT Q . 10.70 2.24 1.10
O ACT Q . 11.65 1.49 1.38
OXT ACT Q . 9.85 1.73 0.30
CH3 ACT Q . 10.59 3.64 1.64
C ACT R . 5.10 -9.90 -1.22
O ACT R . 5.83 -8.88 -1.12
OXT ACT R . 4.32 -10.10 -2.22
CH3 ACT R . 5.15 -10.89 -0.16
C1 EDO S . 5.51 -13.46 18.95
O1 EDO S . 6.47 -13.67 17.94
C2 EDO S . 6.13 -13.56 20.31
O2 EDO S . 7.03 -12.46 20.44
C1 EDO T . -7.09 -1.35 9.31
O1 EDO T . -7.38 -2.16 8.15
C2 EDO T . -7.63 0.05 9.01
O2 EDO T . -9.06 0.05 9.19
#